data_4O1Y
#
_entry.id   4O1Y
#
_cell.length_a   68.360
_cell.length_b   68.360
_cell.length_c   70.120
_cell.angle_alpha   90.00
_cell.angle_beta   90.00
_cell.angle_gamma   120.00
#
_symmetry.space_group_name_H-M   'P 31 2 1'
#
loop_
_entity.id
_entity.type
_entity.pdbx_description
1 polymer 'Phospholipase A2, major isoenzyme'
2 non-polymer 'NAPHTHALEN-1-YL-ACETIC ACID'
3 non-polymer 'CALCIUM ION'
4 water water
#
_entity_poly.entity_id   1
_entity_poly.type   'polypeptide(L)'
_entity_poly.pdbx_seq_one_letter_code
;ALWQFRSMIKCAIPGSHPLMDFNNYGCYCGLGGSGTPVDELDRCCETHDNCYRDAKNLDSCKFLVDNPYTESYSYSCSNT
EITCNSKNNACEAFICNCDRNAAICFSKAPYNKEHKNLDTKKYC
;
_entity_poly.pdbx_strand_id   A
#
# COMPACT_ATOMS: atom_id res chain seq x y z
N ALA A 1 -5.29 2.27 8.28
CA ALA A 1 -4.94 0.93 8.89
C ALA A 1 -5.00 -0.15 7.83
N LEU A 2 -4.27 -1.24 8.02
CA LEU A 2 -4.26 -2.35 7.08
C LEU A 2 -5.64 -2.68 6.46
N TRP A 3 -6.69 -2.86 7.29
CA TRP A 3 -7.98 -3.31 6.71
C TRP A 3 -8.48 -2.27 5.76
N GLN A 4 -8.28 -1.07 6.05
CA GLN A 4 -8.75 0.00 5.22
C GLN A 4 -8.02 0.09 3.89
N PHE A 5 -6.73 -0.19 3.86
CA PHE A 5 -5.96 -0.27 2.63
C PHE A 5 -6.51 -1.41 1.73
N ARG A 6 -6.80 -2.56 2.32
CA ARG A 6 -7.49 -3.62 1.58
C ARG A 6 -8.75 -3.08 0.90
N SER A 7 -9.55 -2.27 1.61
CA SER A 7 -10.79 -1.76 1.03
C SER A 7 -10.50 -0.69 -0.02
N MET A 8 -9.39 0.02 0.12
CA MET A 8 -9.01 1.01 -0.90
C MET A 8 -8.80 0.33 -2.25
N ILE A 9 -8.04 -0.77 -2.22
CA ILE A 9 -7.76 -1.57 -3.40
C ILE A 9 -9.05 -2.05 -4.02
N LYS A 10 -9.92 -2.67 -3.20
CA LYS A 10 -11.22 -3.08 -3.72
C LYS A 10 -11.96 -1.92 -4.37
N CYS A 11 -11.75 -0.71 -3.87
CA CYS A 11 -12.35 0.48 -4.44
C CYS A 11 -11.74 0.85 -5.81
N ALA A 12 -10.40 0.87 -5.90
CA ALA A 12 -9.73 1.33 -7.10
C ALA A 12 -9.88 0.25 -8.17
N ILE A 13 -9.65 -1.00 -7.77
CA ILE A 13 -9.83 -2.18 -8.60
C ILE A 13 -11.02 -3.02 -8.11
N PRO A 14 -12.27 -2.71 -8.55
CA PRO A 14 -13.45 -3.40 -8.05
C PRO A 14 -13.44 -4.93 -8.21
N GLY A 15 -13.00 -5.43 -9.36
CA GLY A 15 -13.02 -6.87 -9.58
C GLY A 15 -11.82 -7.57 -8.96
N SER A 16 -11.50 -7.21 -7.71
CA SER A 16 -10.23 -7.65 -7.08
C SER A 16 -10.31 -8.17 -5.64
N HIS A 17 -9.35 -9.03 -5.32
CA HIS A 17 -9.21 -9.59 -3.99
C HIS A 17 -7.78 -9.38 -3.51
N PRO A 18 -7.56 -8.37 -2.63
CA PRO A 18 -6.22 -7.85 -2.29
C PRO A 18 -5.25 -8.82 -1.57
N LEU A 19 -5.67 -9.38 -0.43
CA LEU A 19 -4.81 -10.30 0.31
C LEU A 19 -4.20 -11.33 -0.63
N MET A 20 -5.04 -11.86 -1.51
CA MET A 20 -4.63 -12.88 -2.52
C MET A 20 -3.78 -12.31 -3.67
N ASP A 21 -4.25 -11.21 -4.28
CA ASP A 21 -3.64 -10.61 -5.48
C ASP A 21 -2.30 -9.89 -5.24
N PHE A 22 -2.25 -9.06 -4.19
CA PHE A 22 -1.09 -8.19 -3.97
C PHE A 22 -0.23 -8.52 -2.78
N ASN A 23 -0.49 -9.61 -2.08
CA ASN A 23 0.39 -9.97 -1.01
C ASN A 23 1.30 -11.04 -1.58
N ASN A 24 2.58 -10.94 -1.26
CA ASN A 24 3.65 -11.77 -1.86
C ASN A 24 3.65 -11.74 -3.38
N TYR A 25 3.70 -10.51 -3.88
CA TYR A 25 3.88 -10.24 -5.28
C TYR A 25 5.26 -9.59 -5.46
N GLY A 26 6.06 -10.11 -6.38
CA GLY A 26 7.37 -9.56 -6.64
C GLY A 26 8.20 -9.46 -5.36
N CYS A 27 9.01 -8.40 -5.27
CA CYS A 27 10.01 -8.21 -4.24
C CYS A 27 9.57 -7.31 -3.09
N TYR A 28 8.58 -6.43 -3.31
CA TYR A 28 8.14 -5.43 -2.28
C TYR A 28 6.73 -5.60 -1.73
N CYS A 29 5.82 -6.15 -2.54
CA CYS A 29 4.44 -6.42 -2.11
C CYS A 29 4.32 -7.52 -1.07
N GLY A 30 4.38 -7.17 0.21
CA GLY A 30 4.44 -8.19 1.28
C GLY A 30 5.29 -7.66 2.42
N LEU A 31 5.42 -8.44 3.50
CA LEU A 31 6.24 -7.96 4.60
C LEU A 31 7.66 -7.65 4.11
N GLY A 32 8.23 -6.53 4.61
CA GLY A 32 9.56 -6.06 4.23
C GLY A 32 9.68 -5.88 2.73
N GLY A 33 10.88 -6.14 2.20
CA GLY A 33 11.15 -6.08 0.76
C GLY A 33 12.65 -6.09 0.59
N SER A 34 13.13 -6.44 -0.59
CA SER A 34 14.60 -6.44 -0.86
C SER A 34 14.90 -6.19 -2.33
N GLY A 35 16.07 -5.67 -2.65
CA GLY A 35 16.48 -5.57 -4.05
C GLY A 35 15.75 -4.51 -4.89
N THR A 36 15.76 -4.66 -6.21
CA THR A 36 15.08 -3.73 -7.08
C THR A 36 13.71 -4.27 -7.40
N PRO A 37 12.66 -3.41 -7.43
CA PRO A 37 11.39 -4.02 -7.84
C PRO A 37 11.44 -4.62 -9.27
N VAL A 38 10.68 -5.68 -9.52
CA VAL A 38 10.65 -6.37 -10.82
C VAL A 38 9.73 -5.80 -11.92
N ASP A 39 8.83 -4.87 -11.58
CA ASP A 39 7.53 -4.65 -12.20
C ASP A 39 7.16 -3.19 -11.93
N GLU A 40 6.21 -2.61 -12.66
CA GLU A 40 5.58 -1.38 -12.14
C GLU A 40 4.76 -1.59 -10.88
N LEU A 41 3.99 -2.67 -10.80
CA LEU A 41 3.22 -3.02 -9.56
C LEU A 41 4.15 -3.14 -8.33
N ASP A 42 5.14 -4.01 -8.42
CA ASP A 42 6.18 -4.09 -7.43
C ASP A 42 6.74 -2.70 -7.03
N ARG A 43 6.91 -1.81 -8.00
CA ARG A 43 7.38 -0.46 -7.70
C ARG A 43 6.33 0.25 -6.84
N CYS A 44 5.05 0.13 -7.22
CA CYS A 44 3.96 0.70 -6.40
C CYS A 44 4.13 0.27 -4.93
N CYS A 45 4.47 -1.01 -4.70
CA CYS A 45 4.66 -1.55 -3.34
C CYS A 45 5.90 -1.01 -2.63
N GLU A 46 7.00 -0.86 -3.38
CA GLU A 46 8.22 -0.28 -2.82
C GLU A 46 7.94 1.14 -2.39
N THR A 47 7.31 1.92 -3.25
CA THR A 47 6.95 3.29 -2.86
C THR A 47 6.10 3.31 -1.58
N HIS A 48 5.13 2.41 -1.48
CA HIS A 48 4.31 2.24 -0.28
C HIS A 48 5.19 1.94 0.92
N ASP A 49 6.01 0.90 0.82
CA ASP A 49 6.97 0.62 1.87
C ASP A 49 7.72 1.92 2.25
N ASN A 50 8.22 2.67 1.27
CA ASN A 50 8.97 3.88 1.60
C ASN A 50 8.09 4.96 2.26
N CYS A 51 6.84 5.05 1.81
CA CYS A 51 5.90 6.00 2.39
C CYS A 51 5.70 5.71 3.90
N TYR A 52 5.62 4.43 4.27
CA TYR A 52 5.43 4.05 5.68
C TYR A 52 6.68 4.40 6.46
N ARG A 53 7.84 4.13 5.85
CA ARG A 53 9.16 4.57 6.33
C ARG A 53 9.19 6.04 6.67
N ASP A 54 8.81 6.90 5.73
CA ASP A 54 8.82 8.35 5.96
C ASP A 54 7.89 8.74 7.11
N ALA A 55 6.67 8.18 7.10
CA ALA A 55 5.69 8.37 8.16
C ALA A 55 6.25 8.03 9.56
N LYS A 56 6.84 6.84 9.70
CA LYS A 56 7.53 6.48 10.94
C LYS A 56 8.58 7.52 11.35
N ASN A 57 9.22 8.17 10.35
CA ASN A 57 10.27 9.19 10.59
C ASN A 57 9.81 10.66 10.66
N LEU A 58 8.50 10.85 10.75
CA LEU A 58 7.91 12.14 11.09
C LEU A 58 7.90 12.20 12.60
N ASP A 59 8.81 12.96 13.20
CA ASP A 59 8.94 12.88 14.65
C ASP A 59 7.68 13.28 15.43
N SER A 60 6.70 13.89 14.75
CA SER A 60 5.43 14.27 15.39
C SER A 60 4.39 13.14 15.50
N CYS A 61 4.68 11.99 14.90
CA CYS A 61 3.74 10.86 14.88
C CYS A 61 4.29 9.74 15.74
N LYS A 62 3.49 9.15 16.60
CA LYS A 62 3.95 7.95 17.30
C LYS A 62 2.89 6.89 17.17
N PHE A 63 3.07 6.02 16.18
CA PHE A 63 2.10 4.96 15.91
C PHE A 63 2.16 3.85 16.92
N LEU A 64 1.00 3.25 17.25
CA LEU A 64 0.95 2.10 18.17
C LEU A 64 1.86 0.98 17.66
N VAL A 65 2.62 0.36 18.57
CA VAL A 65 3.47 -0.79 18.19
C VAL A 65 4.47 -0.36 17.09
N ASP A 66 4.46 0.94 16.80
CA ASP A 66 5.35 1.61 15.84
C ASP A 66 5.01 1.21 14.43
N ASN A 67 3.76 0.86 14.23
CA ASN A 67 3.38 0.35 12.95
C ASN A 67 2.32 1.28 12.46
N PRO A 68 2.60 2.03 11.37
CA PRO A 68 1.60 2.92 10.75
C PRO A 68 0.34 2.21 10.33
N TYR A 69 0.41 0.90 10.07
CA TYR A 69 -0.76 0.10 9.67
C TYR A 69 -1.82 0.04 10.71
N THR A 70 -1.39 0.45 11.89
CA THR A 70 -2.15 0.36 13.09
C THR A 70 -3.13 1.54 13.13
N GLU A 71 -2.92 2.50 12.25
CA GLU A 71 -3.56 3.77 12.38
C GLU A 71 -4.74 3.92 11.40
N SER A 72 -5.92 4.18 11.92
CA SER A 72 -7.07 4.52 11.13
C SER A 72 -7.26 6.01 10.91
N TYR A 73 -7.67 6.19 9.70
CA TYR A 73 -8.06 7.40 9.16
C TYR A 73 -9.42 7.07 8.67
N SER A 74 -10.07 8.06 8.23
CA SER A 74 -11.26 7.97 7.47
C SER A 74 -11.07 8.42 6.02
N TYR A 75 -11.82 7.83 5.16
CA TYR A 75 -11.71 7.98 3.72
C TYR A 75 -12.91 7.29 3.08
N SER A 76 -13.34 7.76 1.92
CA SER A 76 -14.55 7.24 1.31
C SER A 76 -14.26 6.78 -0.10
N CYS A 77 -15.19 6.00 -0.63
CA CYS A 77 -15.03 5.44 -1.93
C CYS A 77 -16.26 5.66 -2.77
N SER A 78 -16.10 6.43 -3.85
CA SER A 78 -17.20 6.66 -4.77
C SER A 78 -16.85 6.33 -6.23
N ASN A 79 -17.28 5.16 -6.69
CA ASN A 79 -16.98 4.71 -8.05
C ASN A 79 -15.52 4.94 -8.43
N THR A 80 -14.65 4.07 -7.94
CA THR A 80 -13.23 4.12 -8.28
C THR A 80 -12.49 5.33 -7.70
N GLU A 81 -13.21 6.26 -7.07
CA GLU A 81 -12.54 7.43 -6.53
C GLU A 81 -12.23 7.24 -5.06
N ILE A 82 -10.96 7.22 -4.68
CA ILE A 82 -10.68 7.27 -3.24
C ILE A 82 -10.54 8.72 -2.79
N THR A 83 -11.18 9.07 -1.68
CA THR A 83 -11.03 10.40 -1.12
C THR A 83 -10.57 10.34 0.34
N CYS A 84 -9.40 10.89 0.66
CA CYS A 84 -8.98 10.98 2.06
C CYS A 84 -9.68 12.13 2.75
N ASN A 85 -10.37 11.83 3.84
CA ASN A 85 -11.06 12.84 4.64
C ASN A 85 -10.10 13.93 5.07
N SER A 86 -10.48 15.20 4.91
CA SER A 86 -9.56 16.32 5.23
C SER A 86 -9.44 16.47 6.73
N LYS A 87 -10.36 15.85 7.42
CA LYS A 87 -10.40 15.94 8.85
C LYS A 87 -9.47 14.91 9.53
N ASN A 88 -8.73 14.11 8.75
CA ASN A 88 -7.72 13.25 9.36
C ASN A 88 -6.50 14.06 9.85
N ASN A 89 -6.00 13.79 11.06
CA ASN A 89 -4.90 14.57 11.59
C ASN A 89 -3.73 14.35 10.66
N ALA A 90 -2.67 15.12 10.88
CA ALA A 90 -1.53 15.09 9.96
C ALA A 90 -1.03 13.69 9.74
N CYS A 91 -0.94 12.88 10.79
CA CYS A 91 -0.35 11.54 10.66
C CYS A 91 -1.24 10.58 9.95
N GLU A 92 -2.54 10.62 10.25
CA GLU A 92 -3.57 9.84 9.58
C GLU A 92 -3.68 10.24 8.12
N ALA A 93 -3.66 11.54 7.82
CA ALA A 93 -3.61 12.00 6.41
C ALA A 93 -2.43 11.43 5.64
N PHE A 94 -1.23 11.50 6.23
CA PHE A 94 -0.07 10.96 5.60
C PHE A 94 -0.23 9.48 5.26
N ILE A 95 -0.61 8.66 6.24
CA ILE A 95 -0.84 7.23 6.02
C ILE A 95 -1.93 6.98 4.96
N CYS A 96 -3.03 7.80 5.20
CA CYS A 96 -4.08 7.80 4.21
C CYS A 96 -3.54 7.98 2.78
N ASN A 97 -2.77 8.90 2.49
CA ASN A 97 -2.22 9.16 1.18
C ASN A 97 -1.26 8.07 0.71
N CYS A 98 -0.49 7.50 1.64
CA CYS A 98 0.30 6.33 1.25
C CYS A 98 -0.60 5.27 0.68
N ASP A 99 -1.68 4.95 1.40
CA ASP A 99 -2.56 3.84 0.99
C ASP A 99 -3.21 4.20 -0.33
N ARG A 100 -3.83 5.36 -0.40
CA ARG A 100 -4.54 5.77 -1.58
C ARG A 100 -3.70 5.86 -2.87
N ASN A 101 -2.53 6.52 -2.78
CA ASN A 101 -1.55 6.53 -3.86
C ASN A 101 -1.17 5.15 -4.26
N ALA A 102 -1.06 4.25 -3.29
CA ALA A 102 -0.67 2.89 -3.61
C ALA A 102 -1.86 2.22 -4.33
N ALA A 103 -3.11 2.39 -3.85
CA ALA A 103 -4.24 1.77 -4.58
C ALA A 103 -4.45 2.36 -5.99
N ILE A 104 -4.19 3.65 -6.17
CA ILE A 104 -4.30 4.26 -7.50
C ILE A 104 -3.23 3.64 -8.39
N CYS A 105 -2.00 3.56 -7.87
CA CYS A 105 -0.85 2.91 -8.53
C CYS A 105 -1.13 1.47 -8.91
N PHE A 106 -1.64 0.68 -7.98
CA PHE A 106 -1.92 -0.73 -8.27
C PHE A 106 -2.91 -0.77 -9.43
N SER A 107 -3.85 0.19 -9.49
CA SER A 107 -4.89 0.10 -10.51
C SER A 107 -4.41 0.39 -11.93
N LYS A 108 -3.26 1.05 -12.04
CA LYS A 108 -2.63 1.34 -13.32
C LYS A 108 -1.42 0.45 -13.64
N ALA A 109 -0.91 -0.33 -12.71
CA ALA A 109 0.22 -1.23 -13.04
C ALA A 109 -0.23 -2.47 -13.78
N PRO A 110 0.57 -2.93 -14.77
CA PRO A 110 0.32 -4.25 -15.33
C PRO A 110 0.48 -5.34 -14.26
N TYR A 111 -0.53 -6.20 -14.10
CA TYR A 111 -0.41 -7.41 -13.31
C TYR A 111 0.21 -8.50 -14.12
N ASN A 112 1.35 -9.01 -13.65
CA ASN A 112 2.10 -10.11 -14.30
C ASN A 112 2.04 -11.38 -13.46
N LYS A 113 1.36 -12.43 -13.94
CA LYS A 113 1.19 -13.61 -13.08
C LYS A 113 2.54 -14.17 -12.64
N GLU A 114 3.52 -14.18 -13.55
CA GLU A 114 4.93 -14.59 -13.30
C GLU A 114 5.46 -14.30 -11.90
N HIS A 115 5.02 -13.17 -11.34
CA HIS A 115 5.67 -12.54 -10.22
C HIS A 115 4.97 -12.72 -8.92
N LYS A 116 3.80 -13.35 -8.96
CA LYS A 116 3.06 -13.70 -7.75
C LYS A 116 3.91 -14.74 -7.07
N ASN A 117 4.18 -14.57 -5.78
CA ASN A 117 5.02 -15.53 -5.07
C ASN A 117 6.34 -15.79 -5.78
N LEU A 118 7.04 -14.70 -6.06
CA LEU A 118 8.35 -14.77 -6.68
C LEU A 118 9.30 -15.49 -5.76
N ASP A 119 10.24 -16.25 -6.32
CA ASP A 119 11.38 -16.70 -5.54
C ASP A 119 12.28 -15.50 -5.19
N THR A 120 12.04 -14.88 -4.02
CA THR A 120 12.77 -13.67 -3.59
C THR A 120 14.23 -13.89 -3.15
N LYS A 121 14.56 -15.07 -2.64
CA LYS A 121 15.97 -15.38 -2.33
C LYS A 121 16.82 -15.33 -3.60
N LYS A 122 16.21 -15.67 -4.74
CA LYS A 122 16.87 -15.68 -6.07
C LYS A 122 16.76 -14.35 -6.83
N TYR A 123 15.56 -13.80 -6.92
CA TYR A 123 15.30 -12.69 -7.88
C TYR A 123 15.23 -11.27 -7.32
N CYS A 124 15.37 -11.15 -6.00
CA CYS A 124 15.19 -9.87 -5.37
C CYS A 124 16.42 -9.43 -4.67
#